data_8BRF
#
_entry.id   8BRF
#
_cell.length_a   63.492
_cell.length_b   75.176
_cell.length_c   166.650
_cell.angle_alpha   90.000
_cell.angle_beta   90.000
_cell.angle_gamma   90.000
#
_symmetry.space_group_name_H-M   'I 21 21 21'
#
loop_
_entity.id
_entity.type
_entity.pdbx_description
1 polymer 'Protein YopQ'
2 non-polymer 'CHLORIDE ION'
3 non-polymer 'SULFATE ION'
4 water water
#
_entity_poly.entity_id   1
_entity_poly.type   'polypeptide(L)'
_entity_poly.pdbx_seq_one_letter_code
;MFIKDAYNMRALCTALEQSAPDTIINTSKEENNSYYCATAHLLRTDVCSLVNRVGIEPLKSGSILSTLEELWQAVGIIYR
LYEWQHVSDIDTNFKKLPNNSDFGLVFSVLDCDIGYVITGKKDSKGNIELYDPKNSLLIENDDIKKYLYDENFHRFCIML
IISKSELEELSRESCDQKCIMG
;
_entity_poly.pdbx_strand_id   BBB,AAA
#
loop_
_chem_comp.id
_chem_comp.type
_chem_comp.name
_chem_comp.formula
CL non-polymer 'CHLORIDE ION' 'Cl -1'
SO4 non-polymer 'SULFATE ION' 'O4 S -2'
#
# COMPACT_ATOMS: atom_id res chain seq x y z
N GLU A 30 -6.04 -25.94 -1.36
CA GLU A 30 -7.44 -25.55 -1.62
C GLU A 30 -7.64 -24.12 -1.11
N GLU A 31 -8.32 -23.97 0.02
CA GLU A 31 -8.54 -22.68 0.69
C GLU A 31 -7.82 -22.73 2.05
N ASN A 32 -7.03 -23.78 2.27
CA ASN A 32 -6.21 -23.89 3.50
C ASN A 32 -4.88 -23.17 3.25
N ASN A 33 -4.95 -22.03 2.58
CA ASN A 33 -3.74 -21.27 2.18
C ASN A 33 -3.56 -20.14 3.19
N SER A 34 -2.29 -19.83 3.47
CA SER A 34 -1.88 -18.81 4.46
C SER A 34 -2.73 -17.56 4.29
N TYR A 35 -2.85 -17.02 3.09
CA TYR A 35 -3.48 -15.70 2.93
C TYR A 35 -4.94 -15.80 3.38
N TYR A 36 -5.65 -16.87 3.02
CA TYR A 36 -7.04 -17.05 3.50
C TYR A 36 -7.03 -17.24 5.01
N CYS A 37 -6.18 -18.15 5.50
CA CYS A 37 -6.11 -18.49 6.94
C CYS A 37 -5.68 -17.27 7.75
N ALA A 38 -4.70 -16.50 7.26
CA ALA A 38 -4.21 -15.30 7.96
C ALA A 38 -5.30 -14.24 8.02
N THR A 39 -6.04 -14.04 6.93
CA THR A 39 -7.10 -13.01 6.85
C THR A 39 -8.25 -13.43 7.78
N ALA A 40 -8.58 -14.71 7.85
CA ALA A 40 -9.70 -15.19 8.71
C ALA A 40 -9.31 -15.08 10.19
N HIS A 41 -8.04 -15.30 10.53
CA HIS A 41 -7.61 -15.19 11.95
C HIS A 41 -7.71 -13.73 12.38
N LEU A 42 -7.25 -12.79 11.55
CA LEU A 42 -7.27 -11.33 11.90
C LEU A 42 -8.71 -10.84 12.02
N LEU A 43 -9.62 -11.29 11.16
CA LEU A 43 -11.04 -10.86 11.17
C LEU A 43 -11.83 -11.48 12.33
N ARG A 44 -11.24 -12.37 13.12
CA ARG A 44 -11.90 -13.09 14.24
C ARG A 44 -13.07 -13.93 13.72
N THR A 45 -12.84 -14.65 12.63
CA THR A 45 -13.86 -15.54 12.01
C THR A 45 -13.19 -16.85 11.61
N ASP A 46 -13.77 -17.59 10.67
CA ASP A 46 -13.13 -18.79 10.06
C ASP A 46 -13.19 -18.66 8.54
N VAL A 47 -12.45 -19.51 7.82
CA VAL A 47 -12.22 -19.29 6.37
C VAL A 47 -13.50 -19.66 5.61
N CYS A 48 -14.32 -20.58 6.13
CA CYS A 48 -15.51 -21.05 5.40
C CYS A 48 -16.58 -19.96 5.40
N SER A 49 -16.78 -19.29 6.52
CA SER A 49 -17.69 -18.11 6.56
C SER A 49 -16.99 -16.87 5.97
N LEU A 50 -15.68 -16.92 5.71
CA LEU A 50 -15.02 -15.83 4.92
C LEU A 50 -15.25 -16.07 3.43
N VAL A 51 -15.42 -17.32 3.01
CA VAL A 51 -15.34 -17.65 1.57
C VAL A 51 -16.72 -17.60 0.90
N ASN A 52 -17.82 -17.68 1.65
CA ASN A 52 -19.17 -17.38 1.10
C ASN A 52 -19.32 -15.88 0.89
N ARG A 53 -18.58 -15.07 1.64
CA ARG A 53 -18.20 -13.70 1.22
C ARG A 53 -17.20 -13.91 0.09
N VAL A 54 -16.72 -12.88 -0.58
CA VAL A 54 -15.41 -12.97 -1.31
C VAL A 54 -15.48 -13.99 -2.46
N GLY A 55 -15.99 -15.19 -2.21
CA GLY A 55 -15.82 -16.35 -3.10
C GLY A 55 -14.49 -16.99 -2.84
N ILE A 56 -13.98 -17.78 -3.78
CA ILE A 56 -12.56 -18.23 -3.75
C ILE A 56 -11.83 -17.48 -4.85
N GLU A 57 -11.15 -16.39 -4.51
CA GLU A 57 -10.36 -15.66 -5.51
C GLU A 57 -9.03 -16.38 -5.67
N PRO A 58 -8.56 -16.59 -6.94
CA PRO A 58 -7.26 -17.22 -7.18
C PRO A 58 -6.03 -16.36 -6.80
N LEU A 59 -4.84 -16.79 -7.19
CA LEU A 59 -3.61 -15.99 -6.99
C LEU A 59 -3.59 -14.88 -8.04
N LYS A 60 -4.01 -13.67 -7.64
CA LYS A 60 -3.96 -12.49 -8.53
C LYS A 60 -2.50 -12.13 -8.80
N SER A 61 -2.15 -11.94 -10.07
CA SER A 61 -0.87 -11.34 -10.50
C SER A 61 0.30 -12.24 -10.11
N GLY A 62 0.03 -13.51 -9.75
CA GLY A 62 1.06 -14.43 -9.23
C GLY A 62 1.66 -13.99 -7.88
N SER A 63 1.25 -12.84 -7.36
CA SER A 63 1.79 -12.25 -6.13
C SER A 63 0.92 -12.63 -4.93
N ILE A 64 1.52 -13.21 -3.89
CA ILE A 64 0.81 -13.40 -2.59
C ILE A 64 0.50 -11.99 -2.03
N LEU A 65 1.39 -11.03 -2.20
CA LEU A 65 1.12 -9.66 -1.70
C LEU A 65 -0.13 -9.14 -2.42
N SER A 66 -0.15 -9.19 -3.74
CA SER A 66 -1.27 -8.68 -4.56
C SER A 66 -2.56 -9.38 -4.12
N THR A 67 -2.52 -10.69 -3.92
CA THR A 67 -3.70 -11.49 -3.50
C THR A 67 -4.16 -11.09 -2.10
N LEU A 68 -3.23 -10.80 -1.20
CA LEU A 68 -3.61 -10.40 0.17
C LEU A 68 -4.30 -9.05 0.08
N GLU A 69 -3.69 -8.09 -0.64
CA GLU A 69 -4.28 -6.73 -0.82
C GLU A 69 -5.69 -6.89 -1.39
N GLU A 70 -5.83 -7.72 -2.41
CA GLU A 70 -7.12 -7.82 -3.10
C GLU A 70 -8.12 -8.53 -2.18
N LEU A 71 -7.68 -9.49 -1.39
CA LEU A 71 -8.59 -10.16 -0.43
C LEU A 71 -9.00 -9.15 0.66
N TRP A 72 -8.08 -8.28 1.08
CA TRP A 72 -8.38 -7.33 2.19
C TRP A 72 -9.35 -6.25 1.73
N GLN A 73 -9.17 -5.73 0.50
CA GLN A 73 -10.08 -4.70 -0.07
C GLN A 73 -11.48 -5.30 -0.16
N ALA A 74 -11.59 -6.57 -0.57
CA ALA A 74 -12.88 -7.28 -0.68
C ALA A 74 -13.59 -7.31 0.68
N VAL A 75 -12.90 -7.62 1.77
CA VAL A 75 -13.54 -7.91 3.09
C VAL A 75 -13.62 -6.63 3.94
N GLY A 76 -12.99 -5.56 3.51
CA GLY A 76 -13.00 -4.28 4.26
C GLY A 76 -11.95 -4.20 5.36
N ILE A 77 -10.81 -4.88 5.22
CA ILE A 77 -9.70 -4.56 6.15
C ILE A 77 -8.91 -3.40 5.54
N ILE A 78 -8.94 -2.24 6.18
CA ILE A 78 -8.21 -1.05 5.69
C ILE A 78 -6.81 -1.10 6.29
N TYR A 79 -5.80 -1.10 5.44
CA TYR A 79 -4.41 -1.34 5.88
C TYR A 79 -3.50 -0.20 5.43
N ARG A 80 -2.34 -0.11 6.08
CA ARG A 80 -1.20 0.72 5.61
C ARG A 80 -0.12 -0.22 5.08
N LEU A 81 0.26 -0.06 3.82
CA LEU A 81 1.22 -0.98 3.19
C LEU A 81 2.60 -0.46 3.53
N TYR A 82 3.54 -1.37 3.79
CA TYR A 82 4.96 -1.03 3.99
C TYR A 82 5.77 -1.50 2.81
N GLU A 83 6.91 -0.85 2.60
CA GLU A 83 7.96 -1.25 1.62
C GLU A 83 8.47 -2.65 1.96
N TRP A 84 8.65 -3.49 0.94
CA TRP A 84 9.43 -4.74 1.06
C TRP A 84 10.78 -4.41 1.66
N GLN A 85 11.17 -5.12 2.71
CA GLN A 85 12.46 -4.87 3.37
C GLN A 85 13.07 -6.22 3.73
N HIS A 86 14.39 -6.27 3.87
CA HIS A 86 15.14 -7.46 4.35
C HIS A 86 14.71 -7.77 5.79
N VAL A 87 14.78 -9.03 6.18
CA VAL A 87 14.27 -9.45 7.51
C VAL A 87 15.18 -8.93 8.63
N SER A 88 16.43 -8.55 8.33
CA SER A 88 17.36 -8.00 9.35
C SER A 88 16.81 -6.70 9.93
N ASP A 89 16.19 -5.85 9.11
CA ASP A 89 15.65 -4.55 9.57
C ASP A 89 14.26 -4.74 10.16
N ILE A 90 13.85 -5.96 10.52
CA ILE A 90 12.44 -6.16 10.96
C ILE A 90 12.26 -5.62 12.38
N ASP A 91 13.28 -5.74 13.24
CA ASP A 91 13.11 -5.36 14.66
C ASP A 91 12.92 -3.85 14.75
N THR A 92 13.41 -3.10 13.78
CA THR A 92 13.24 -1.63 13.76
C THR A 92 11.81 -1.29 13.31
N ASN A 93 11.26 -2.02 12.35
CA ASN A 93 9.85 -1.84 11.91
C ASN A 93 8.91 -2.14 13.08
N PHE A 94 9.18 -3.21 13.82
CA PHE A 94 8.40 -3.58 15.03
C PHE A 94 8.45 -2.43 16.03
N LYS A 95 9.63 -1.83 16.11
CA LYS A 95 10.08 -0.86 17.13
C LYS A 95 9.24 0.42 16.95
N LYS A 96 8.97 0.76 15.69
CA LYS A 96 8.18 1.95 15.27
C LYS A 96 6.70 1.61 15.19
N LEU A 97 6.27 0.39 15.45
CA LEU A 97 4.81 0.19 15.35
C LEU A 97 4.14 0.65 16.63
N PRO A 98 2.96 1.27 16.53
CA PRO A 98 2.25 1.71 17.72
C PRO A 98 1.64 0.51 18.48
N ASN A 99 1.45 0.67 19.78
CA ASN A 99 0.85 -0.38 20.62
C ASN A 99 -0.60 -0.62 20.17
N ASN A 100 -1.16 -1.76 20.56
CA ASN A 100 -2.50 -2.27 20.19
C ASN A 100 -2.65 -2.27 18.67
N SER A 101 -1.79 -3.04 17.98
CA SER A 101 -1.76 -3.12 16.50
C SER A 101 -1.90 -4.57 16.07
N ASP A 102 -2.85 -4.82 15.16
CA ASP A 102 -3.00 -6.11 14.44
C ASP A 102 -2.46 -5.90 13.03
N PHE A 103 -1.73 -6.86 12.50
CA PHE A 103 -1.15 -6.73 11.15
C PHE A 103 -0.93 -8.11 10.54
N GLY A 104 -0.82 -8.10 9.23
CA GLY A 104 -0.38 -9.25 8.43
C GLY A 104 1.07 -9.06 8.06
N LEU A 105 1.70 -10.14 7.68
CA LEU A 105 3.11 -10.08 7.33
C LEU A 105 3.34 -11.04 6.19
N VAL A 106 3.66 -10.50 5.02
CA VAL A 106 3.99 -11.34 3.85
C VAL A 106 5.50 -11.49 3.81
N PHE A 107 5.93 -12.75 3.75
CA PHE A 107 7.36 -13.10 3.70
C PHE A 107 7.75 -13.66 2.35
N SER A 108 8.95 -13.29 1.93
CA SER A 108 9.75 -13.95 0.89
C SER A 108 10.42 -15.19 1.55
N VAL A 109 10.39 -16.35 0.90
CA VAL A 109 10.86 -17.63 1.50
C VAL A 109 11.82 -18.33 0.52
N LEU A 110 13.01 -18.71 0.99
CA LEU A 110 14.08 -19.28 0.11
C LEU A 110 13.52 -20.51 -0.62
N ASP A 111 12.79 -21.38 0.06
CA ASP A 111 12.25 -22.59 -0.60
C ASP A 111 10.76 -22.40 -0.82
N CYS A 112 10.35 -21.25 -1.33
CA CYS A 112 8.98 -21.09 -1.84
C CYS A 112 8.98 -20.10 -3.00
N ASP A 113 8.29 -20.45 -4.08
CA ASP A 113 8.23 -19.64 -5.32
C ASP A 113 7.36 -18.41 -5.10
N ILE A 114 6.44 -18.47 -4.14
CA ILE A 114 5.52 -17.34 -3.86
C ILE A 114 5.77 -16.92 -2.41
N GLY A 115 5.02 -15.94 -1.95
CA GLY A 115 5.15 -15.48 -0.56
C GLY A 115 4.41 -16.39 0.40
N TYR A 116 4.50 -16.05 1.68
CA TYR A 116 3.78 -16.73 2.78
C TYR A 116 3.30 -15.68 3.75
N VAL A 117 2.06 -15.82 4.21
CA VAL A 117 1.40 -14.80 5.07
C VAL A 117 1.22 -15.36 6.47
N ILE A 118 1.65 -14.60 7.46
CA ILE A 118 1.35 -14.88 8.88
C ILE A 118 0.75 -13.60 9.46
N THR A 119 0.23 -13.71 10.67
CA THR A 119 -0.43 -12.61 11.40
C THR A 119 0.48 -12.11 12.51
N GLY A 120 0.14 -10.97 13.09
CA GLY A 120 1.02 -10.30 14.06
C GLY A 120 0.25 -9.37 14.97
N LYS A 121 0.83 -9.03 16.10
CA LYS A 121 0.16 -8.13 17.07
C LYS A 121 1.23 -7.42 17.88
N LYS A 122 0.98 -6.14 18.17
CA LYS A 122 1.72 -5.40 19.20
C LYS A 122 0.68 -5.02 20.25
N ASP A 123 0.64 -5.72 21.38
N ASP A 123 0.64 -5.72 21.38
CA ASP A 123 -0.44 -5.50 22.37
CA ASP A 123 -0.44 -5.50 22.37
C ASP A 123 -0.15 -4.23 23.18
C ASP A 123 -0.15 -4.23 23.18
N SER A 124 -1.06 -3.88 24.10
CA SER A 124 -1.02 -2.65 24.92
C SER A 124 0.34 -2.47 25.62
N LYS A 125 0.92 -3.55 26.12
CA LYS A 125 2.22 -3.47 26.83
C LYS A 125 3.37 -3.26 25.84
N GLY A 126 3.13 -3.42 24.53
CA GLY A 126 4.17 -3.19 23.50
C GLY A 126 4.98 -4.44 23.17
N ASN A 127 4.55 -5.65 23.56
CA ASN A 127 5.25 -6.86 23.06
C ASN A 127 4.75 -7.18 21.66
N ILE A 128 5.59 -7.84 20.87
CA ILE A 128 5.16 -8.39 19.55
C ILE A 128 4.82 -9.85 19.73
N GLU A 129 3.69 -10.26 19.16
CA GLU A 129 3.32 -11.70 19.06
C GLU A 129 3.06 -12.00 17.59
N LEU A 130 3.57 -13.13 17.11
CA LEU A 130 3.36 -13.55 15.70
C LEU A 130 2.60 -14.87 15.71
N TYR A 131 1.64 -15.03 14.80
CA TYR A 131 0.83 -16.25 14.69
C TYR A 131 0.81 -16.76 13.24
N ASP A 132 1.32 -17.96 13.04
CA ASP A 132 1.21 -18.71 11.77
C ASP A 132 -0.06 -19.57 11.85
N PRO A 133 -1.19 -19.12 11.29
CA PRO A 133 -2.45 -19.86 11.44
C PRO A 133 -2.45 -21.25 10.76
N LYS A 134 -1.85 -21.40 9.57
CA LYS A 134 -1.93 -22.67 8.78
C LYS A 134 -1.26 -23.78 9.60
N ASN A 135 -0.17 -23.46 10.30
CA ASN A 135 0.61 -24.44 11.08
C ASN A 135 0.42 -24.21 12.58
N SER A 136 -0.58 -23.43 12.96
CA SER A 136 -0.93 -23.14 14.38
C SER A 136 0.35 -22.90 15.21
N LEU A 137 1.17 -21.92 14.83
CA LEU A 137 2.39 -21.56 15.60
C LEU A 137 2.28 -20.16 16.18
N LEU A 138 2.70 -20.00 17.42
CA LEU A 138 2.66 -18.70 18.14
C LEU A 138 4.07 -18.35 18.57
N ILE A 139 4.56 -17.18 18.20
CA ILE A 139 5.96 -16.77 18.50
C ILE A 139 5.92 -15.44 19.24
N GLU A 140 6.65 -15.34 20.33
CA GLU A 140 6.72 -14.09 21.12
C GLU A 140 8.15 -13.57 21.06
N ASN A 141 8.39 -12.40 21.63
CA ASN A 141 9.72 -11.73 21.57
C ASN A 141 10.78 -12.76 21.98
N ASP A 142 12.02 -12.54 21.54
CA ASP A 142 13.19 -13.40 21.83
C ASP A 142 13.21 -14.59 20.86
N ASP A 143 12.07 -15.24 20.63
CA ASP A 143 12.02 -16.43 19.75
C ASP A 143 11.81 -15.95 18.31
N ILE A 144 11.63 -14.64 18.12
CA ILE A 144 11.30 -14.06 16.79
C ILE A 144 12.54 -14.11 15.90
N LYS A 145 13.73 -13.82 16.42
CA LYS A 145 14.98 -13.94 15.60
C LYS A 145 15.17 -15.41 15.23
N LYS A 146 15.03 -16.31 16.21
CA LYS A 146 15.18 -17.78 16.04
C LYS A 146 14.15 -18.22 14.99
N TYR A 147 12.91 -17.78 15.12
CA TYR A 147 11.78 -18.20 14.26
C TYR A 147 12.04 -17.77 12.81
N LEU A 148 12.39 -16.51 12.59
CA LEU A 148 12.53 -15.99 11.22
C LEU A 148 13.71 -16.67 10.54
N TYR A 149 14.73 -17.06 11.29
CA TYR A 149 15.89 -17.77 10.70
C TYR A 149 15.50 -19.21 10.36
N ASP A 150 14.81 -19.90 11.28
CA ASP A 150 14.34 -21.28 11.06
C ASP A 150 13.46 -21.34 9.80
N GLU A 151 12.65 -20.32 9.53
CA GLU A 151 11.67 -20.33 8.42
C GLU A 151 12.28 -19.88 7.09
N ASN A 152 13.57 -19.55 7.02
CA ASN A 152 14.25 -19.19 5.75
C ASN A 152 13.56 -17.97 5.11
N PHE A 153 13.10 -17.02 5.92
CA PHE A 153 12.52 -15.76 5.42
C PHE A 153 13.64 -14.80 5.01
N HIS A 154 13.50 -14.16 3.85
CA HIS A 154 14.55 -13.29 3.27
C HIS A 154 14.15 -11.80 3.28
N ARG A 155 13.06 -11.39 2.64
CA ARG A 155 12.56 -10.05 2.97
C ARG A 155 11.10 -10.16 3.34
N PHE A 156 10.47 -9.04 3.66
CA PHE A 156 9.11 -9.08 4.23
C PHE A 156 8.38 -7.78 3.92
N CYS A 157 7.12 -7.79 4.24
CA CYS A 157 6.30 -6.60 3.99
C CYS A 157 5.11 -6.61 4.93
N ILE A 158 4.94 -5.54 5.69
CA ILE A 158 3.88 -5.47 6.73
C ILE A 158 2.65 -4.77 6.19
N MET A 159 1.49 -5.33 6.51
CA MET A 159 0.20 -4.72 6.20
C MET A 159 -0.53 -4.46 7.51
N LEU A 160 -0.53 -3.20 7.91
CA LEU A 160 -1.00 -2.79 9.25
C LEU A 160 -2.50 -2.52 9.18
N ILE A 161 -3.28 -3.22 10.00
CA ILE A 161 -4.76 -3.03 10.01
C ILE A 161 -5.08 -1.68 10.63
N ILE A 162 -5.95 -0.95 9.96
CA ILE A 162 -6.56 0.32 10.44
C ILE A 162 -8.00 0.07 10.85
N SER A 163 -8.74 -0.75 10.09
CA SER A 163 -10.22 -0.94 10.22
C SER A 163 -10.61 -2.39 9.88
N LYS A 164 -11.52 -2.98 10.64
CA LYS A 164 -12.06 -4.35 10.38
C LYS A 164 -13.56 -4.22 10.20
N SER A 165 -14.21 -5.18 9.56
CA SER A 165 -15.69 -5.25 9.56
C SER A 165 -16.12 -6.71 9.69
N GLU A 166 -16.07 -7.25 10.90
CA GLU A 166 -16.44 -8.67 11.15
C GLU A 166 -17.95 -8.80 11.00
N ALA B 20 -15.77 3.34 -14.49
CA ALA B 20 -16.23 3.79 -15.85
C ALA B 20 -16.73 5.22 -15.77
N PRO B 21 -16.25 6.14 -16.66
CA PRO B 21 -16.50 7.57 -16.51
C PRO B 21 -17.98 7.94 -16.56
N ASP B 22 -18.39 8.86 -15.68
CA ASP B 22 -19.72 9.53 -15.70
C ASP B 22 -19.56 10.91 -16.33
N THR B 23 -20.65 11.52 -16.76
CA THR B 23 -20.64 12.90 -17.26
C THR B 23 -20.10 13.77 -16.12
N ILE B 24 -19.29 14.78 -16.43
CA ILE B 24 -18.47 15.49 -15.39
C ILE B 24 -18.23 16.94 -15.83
N ILE B 25 -18.06 17.86 -14.88
CA ILE B 25 -17.62 19.26 -15.15
C ILE B 25 -16.37 19.52 -14.30
N ASN B 26 -15.60 18.47 -14.01
CA ASN B 26 -14.45 18.45 -13.08
C ASN B 26 -14.93 18.65 -11.63
N THR B 27 -16.22 19.00 -11.43
CA THR B 27 -16.85 19.36 -10.13
C THR B 27 -16.01 20.42 -9.38
N SER B 28 -16.24 20.66 -8.07
CA SER B 28 -15.63 21.82 -7.38
C SER B 28 -15.43 21.63 -5.86
N LYS B 29 -15.41 22.75 -5.13
CA LYS B 29 -15.04 22.84 -3.70
C LYS B 29 -13.81 21.97 -3.44
N GLU B 30 -13.98 20.81 -2.81
CA GLU B 30 -12.84 19.99 -2.33
C GLU B 30 -13.07 18.52 -2.69
N GLU B 31 -13.69 18.21 -3.83
CA GLU B 31 -13.52 16.87 -4.46
C GLU B 31 -12.39 17.03 -5.47
N ASN B 32 -12.03 18.27 -5.75
CA ASN B 32 -10.90 18.59 -6.65
C ASN B 32 -9.62 18.74 -5.83
N ASN B 33 -9.42 17.87 -4.86
CA ASN B 33 -8.14 17.78 -4.10
C ASN B 33 -7.17 16.85 -4.84
N SER B 34 -5.86 17.00 -4.59
CA SER B 34 -4.76 16.15 -5.10
C SER B 34 -5.23 14.70 -5.16
N TYR B 35 -5.57 14.16 -4.00
CA TYR B 35 -5.63 12.69 -3.88
C TYR B 35 -6.79 12.20 -4.74
N TYR B 36 -7.95 12.89 -4.73
CA TYR B 36 -9.05 12.54 -5.65
C TYR B 36 -8.58 12.72 -7.11
N CYS B 37 -8.01 13.88 -7.42
CA CYS B 37 -7.59 14.23 -8.79
C CYS B 37 -6.50 13.27 -9.28
N ALA B 38 -5.56 12.91 -8.43
CA ALA B 38 -4.46 12.01 -8.83
C ALA B 38 -5.02 10.60 -9.07
N THR B 39 -5.92 10.15 -8.20
CA THR B 39 -6.51 8.79 -8.31
C THR B 39 -7.37 8.73 -9.57
N ALA B 40 -8.12 9.77 -9.89
CA ALA B 40 -9.03 9.73 -11.05
C ALA B 40 -8.20 9.70 -12.34
N HIS B 41 -7.09 10.43 -12.38
CA HIS B 41 -6.23 10.39 -13.59
C HIS B 41 -5.69 8.97 -13.79
N LEU B 42 -5.17 8.33 -12.73
CA LEU B 42 -4.47 7.02 -12.84
C LEU B 42 -5.48 5.94 -13.22
N LEU B 43 -6.67 5.92 -12.60
CA LEU B 43 -7.76 4.98 -12.99
C LEU B 43 -8.33 5.37 -14.35
N ARG B 44 -7.91 6.50 -14.91
CA ARG B 44 -8.39 7.01 -16.23
C ARG B 44 -9.91 7.25 -16.16
N THR B 45 -10.42 7.73 -15.04
CA THR B 45 -11.86 8.05 -14.82
C THR B 45 -11.98 9.54 -14.51
N ASP B 46 -13.09 9.96 -13.90
CA ASP B 46 -13.27 11.38 -13.48
C ASP B 46 -13.68 11.46 -12.01
N VAL B 47 -13.62 12.65 -11.43
CA VAL B 47 -13.88 12.82 -9.97
C VAL B 47 -15.38 12.60 -9.67
N CYS B 48 -16.26 12.74 -10.65
CA CYS B 48 -17.72 12.52 -10.43
C CYS B 48 -17.98 11.02 -10.24
N SER B 49 -17.43 10.19 -11.11
CA SER B 49 -17.45 8.72 -10.94
C SER B 49 -16.87 8.34 -9.58
N LEU B 50 -15.92 9.13 -9.10
CA LEU B 50 -15.23 8.83 -7.84
C LEU B 50 -16.08 9.22 -6.64
N VAL B 51 -16.92 10.25 -6.74
CA VAL B 51 -17.72 10.66 -5.55
C VAL B 51 -19.03 9.86 -5.53
N ASN B 52 -19.59 9.48 -6.69
CA ASN B 52 -20.90 8.78 -6.74
C ASN B 52 -20.71 7.37 -6.20
N ARG B 53 -19.57 6.77 -6.47
CA ARG B 53 -19.12 5.55 -5.76
C ARG B 53 -18.24 6.08 -4.63
N VAL B 54 -17.94 5.30 -3.61
CA VAL B 54 -16.94 5.61 -2.53
C VAL B 54 -17.35 6.84 -1.70
N GLY B 55 -17.73 7.98 -2.29
CA GLY B 55 -18.22 9.14 -1.50
C GLY B 55 -17.19 10.23 -1.44
N ILE B 56 -17.37 11.18 -0.53
CA ILE B 56 -16.40 12.30 -0.35
C ILE B 56 -15.55 11.96 0.88
N GLU B 57 -14.32 11.53 0.63
CA GLU B 57 -13.43 11.03 1.72
C GLU B 57 -12.86 12.22 2.48
N PRO B 58 -13.08 12.37 3.81
CA PRO B 58 -12.40 13.41 4.55
C PRO B 58 -10.91 13.06 4.68
N LEU B 59 -10.15 13.88 5.41
CA LEU B 59 -8.73 13.55 5.68
C LEU B 59 -8.67 12.53 6.82
N LYS B 60 -8.55 11.26 6.48
CA LYS B 60 -8.41 10.19 7.50
C LYS B 60 -7.06 10.35 8.21
N SER B 61 -7.09 10.38 9.54
CA SER B 61 -5.90 10.26 10.42
C SER B 61 -4.92 11.42 10.18
N GLY B 62 -5.32 12.47 9.44
CA GLY B 62 -4.46 13.65 9.22
C GLY B 62 -3.37 13.46 8.16
N SER B 63 -3.05 12.22 7.73
CA SER B 63 -2.00 11.99 6.71
C SER B 63 -2.64 11.80 5.35
N ILE B 64 -2.17 12.56 4.36
CA ILE B 64 -2.57 12.41 2.93
C ILE B 64 -2.22 10.99 2.46
N LEU B 65 -1.11 10.44 2.93
CA LEU B 65 -0.69 9.09 2.55
C LEU B 65 -1.80 8.12 2.94
N SER B 66 -2.25 8.20 4.20
CA SER B 66 -3.29 7.28 4.74
C SER B 66 -4.56 7.42 3.90
N THR B 67 -4.97 8.65 3.61
CA THR B 67 -6.24 8.88 2.86
C THR B 67 -6.05 8.47 1.40
N LEU B 68 -4.87 8.67 0.84
CA LEU B 68 -4.60 8.19 -0.54
C LEU B 68 -4.71 6.66 -0.56
N GLU B 69 -4.02 6.00 0.35
CA GLU B 69 -4.01 4.51 0.44
C GLU B 69 -5.46 4.06 0.57
N GLU B 70 -6.22 4.62 1.51
CA GLU B 70 -7.56 4.04 1.74
C GLU B 70 -8.51 4.43 0.60
N LEU B 71 -8.23 5.51 -0.12
CA LEU B 71 -9.02 5.76 -1.36
C LEU B 71 -8.64 4.69 -2.38
N TRP B 72 -7.38 4.30 -2.47
CA TRP B 72 -7.03 3.26 -3.46
C TRP B 72 -7.68 1.94 -3.06
N GLN B 73 -7.79 1.67 -1.76
CA GLN B 73 -8.35 0.37 -1.30
C GLN B 73 -9.82 0.34 -1.68
N ALA B 74 -10.51 1.46 -1.48
CA ALA B 74 -11.95 1.63 -1.81
C ALA B 74 -12.20 1.37 -3.30
N VAL B 75 -11.33 1.86 -4.18
CA VAL B 75 -11.58 1.78 -5.66
C VAL B 75 -10.94 0.53 -6.25
N GLY B 76 -10.17 -0.20 -5.47
CA GLY B 76 -9.60 -1.49 -5.92
C GLY B 76 -8.24 -1.37 -6.60
N ILE B 77 -7.49 -0.29 -6.44
CA ILE B 77 -6.10 -0.29 -6.95
C ILE B 77 -5.21 -1.16 -6.05
N ILE B 78 -4.54 -2.12 -6.66
CA ILE B 78 -3.50 -2.95 -6.00
C ILE B 78 -2.17 -2.27 -6.26
N TYR B 79 -1.47 -1.87 -5.20
CA TYR B 79 -0.22 -1.10 -5.32
C TYR B 79 0.88 -1.73 -4.47
N ARG B 80 2.12 -1.34 -4.75
CA ARG B 80 3.34 -1.62 -3.94
C ARG B 80 3.83 -0.25 -3.46
N LEU B 81 4.20 -0.12 -2.19
CA LEU B 81 4.60 1.19 -1.58
C LEU B 81 6.12 1.28 -1.48
N TYR B 82 6.68 2.45 -1.75
CA TYR B 82 8.10 2.78 -1.45
C TYR B 82 8.19 3.89 -0.41
N GLU B 83 8.78 3.61 0.76
CA GLU B 83 8.67 4.46 1.98
C GLU B 83 9.42 5.80 1.84
N TRP B 84 9.00 6.74 2.67
CA TRP B 84 9.53 8.13 2.78
C TRP B 84 11.05 8.16 2.61
N GLN B 85 11.50 8.97 1.66
CA GLN B 85 12.92 9.24 1.38
C GLN B 85 13.07 10.70 0.96
N HIS B 86 14.29 11.23 1.05
CA HIS B 86 14.64 12.59 0.58
C HIS B 86 14.57 12.63 -0.94
N VAL B 87 14.25 13.81 -1.47
CA VAL B 87 14.03 13.96 -2.95
C VAL B 87 15.37 13.91 -3.69
N SER B 88 16.50 14.01 -3.01
CA SER B 88 17.83 13.84 -3.68
C SER B 88 17.92 12.44 -4.32
N ASP B 89 17.50 11.40 -3.62
CA ASP B 89 17.62 10.00 -4.12
C ASP B 89 16.39 9.58 -4.92
N ILE B 90 15.67 10.50 -5.55
CA ILE B 90 14.40 10.11 -6.21
C ILE B 90 14.71 9.46 -7.57
N ASP B 91 15.76 9.88 -8.26
CA ASP B 91 16.01 9.30 -9.61
C ASP B 91 16.46 7.86 -9.45
N THR B 92 17.06 7.50 -8.32
CA THR B 92 17.44 6.11 -8.02
C THR B 92 16.16 5.26 -7.89
N ASN B 93 15.14 5.76 -7.20
CA ASN B 93 13.81 5.11 -7.21
C ASN B 93 13.25 5.11 -8.63
N PHE B 94 13.43 6.20 -9.39
CA PHE B 94 12.92 6.23 -10.77
C PHE B 94 13.57 5.10 -11.56
N LYS B 95 14.86 4.92 -11.40
CA LYS B 95 15.65 3.97 -12.24
C LYS B 95 15.22 2.53 -11.94
N LYS B 96 14.83 2.24 -10.69
CA LYS B 96 14.40 0.87 -10.24
C LYS B 96 12.92 0.61 -10.58
N LEU B 97 12.22 1.53 -11.21
CA LEU B 97 10.80 1.22 -11.51
C LEU B 97 10.75 0.49 -12.83
N PRO B 98 9.83 -0.47 -13.01
CA PRO B 98 9.70 -1.19 -14.28
C PRO B 98 9.13 -0.30 -15.38
N ASN B 99 9.54 -0.58 -16.61
CA ASN B 99 9.07 0.20 -17.78
C ASN B 99 7.59 -0.07 -17.97
N ASN B 100 6.90 0.88 -18.60
CA ASN B 100 5.41 0.87 -18.72
C ASN B 100 4.78 0.68 -17.33
N SER B 101 4.99 1.66 -16.43
CA SER B 101 4.44 1.62 -15.06
C SER B 101 3.82 2.97 -14.70
N ASP B 102 2.64 2.94 -14.10
CA ASP B 102 1.92 4.13 -13.59
C ASP B 102 2.01 4.14 -12.07
N PHE B 103 2.18 5.31 -11.47
CA PHE B 103 2.36 5.40 -10.01
C PHE B 103 1.90 6.74 -9.45
N GLY B 104 1.57 6.71 -8.18
CA GLY B 104 1.26 7.92 -7.40
C GLY B 104 2.48 8.38 -6.63
N LEU B 105 2.55 9.65 -6.34
CA LEU B 105 3.74 10.27 -5.73
C LEU B 105 3.28 11.25 -4.66
N VAL B 106 3.42 10.88 -3.39
CA VAL B 106 3.07 11.78 -2.27
C VAL B 106 4.32 12.52 -1.84
N PHE B 107 4.26 13.84 -1.81
CA PHE B 107 5.40 14.69 -1.43
C PHE B 107 5.12 15.42 -0.13
N SER B 108 6.15 15.57 0.69
CA SER B 108 6.15 16.57 1.79
C SER B 108 6.68 17.88 1.22
N VAL B 109 6.08 18.98 1.67
CA VAL B 109 6.25 20.34 1.08
C VAL B 109 6.57 21.35 2.20
N LEU B 110 7.57 22.21 1.99
CA LEU B 110 8.06 23.18 3.01
C LEU B 110 6.89 24.05 3.50
N ASP B 111 6.04 24.51 2.59
CA ASP B 111 4.88 25.35 3.02
C ASP B 111 3.63 24.52 2.81
N CYS B 112 3.61 23.30 3.30
CA CYS B 112 2.35 22.56 3.48
C CYS B 112 2.44 21.70 4.73
N ASP B 113 1.39 21.72 5.53
CA ASP B 113 1.29 20.93 6.77
C ASP B 113 0.85 19.50 6.46
N ILE B 114 0.42 19.20 5.25
CA ILE B 114 0.05 17.79 4.91
C ILE B 114 0.82 17.45 3.64
N GLY B 115 0.60 16.26 3.11
CA GLY B 115 1.24 15.83 1.86
C GLY B 115 0.53 16.43 0.67
N TYR B 116 1.09 16.20 -0.51
CA TYR B 116 0.53 16.62 -1.80
C TYR B 116 0.79 15.52 -2.81
N VAL B 117 -0.20 15.19 -3.63
CA VAL B 117 -0.13 14.01 -4.53
C VAL B 117 -0.03 14.48 -5.98
N ILE B 118 0.92 13.93 -6.70
CA ILE B 118 0.99 14.03 -8.17
C ILE B 118 1.09 12.61 -8.70
N THR B 119 1.00 12.48 -10.02
CA THR B 119 0.99 11.17 -10.72
C THR B 119 2.24 11.10 -11.55
N GLY B 120 2.56 9.92 -12.07
CA GLY B 120 3.71 9.74 -12.96
C GLY B 120 3.60 8.48 -13.78
N LYS B 121 4.43 8.36 -14.82
CA LYS B 121 4.47 7.13 -15.62
C LYS B 121 5.91 6.87 -16.07
N LYS B 122 6.26 5.62 -16.30
CA LYS B 122 7.56 5.25 -16.91
C LYS B 122 7.18 4.66 -18.24
N ASP B 123 7.79 5.14 -19.33
N ASP B 123 7.81 5.12 -19.32
CA ASP B 123 7.45 4.66 -20.68
CA ASP B 123 7.45 4.66 -20.68
C ASP B 123 8.38 3.48 -21.00
C ASP B 123 8.37 3.47 -21.00
N SER B 124 8.23 2.90 -22.20
CA SER B 124 9.02 1.73 -22.66
C SER B 124 10.51 2.10 -22.70
N LYS B 125 10.83 3.28 -23.19
CA LYS B 125 12.24 3.73 -23.34
C LYS B 125 12.83 4.08 -21.97
N GLY B 126 12.04 3.99 -20.89
CA GLY B 126 12.54 4.26 -19.53
C GLY B 126 12.46 5.74 -19.13
N ASN B 127 11.79 6.59 -19.91
CA ASN B 127 11.64 8.02 -19.56
C ASN B 127 10.61 8.18 -18.44
N ILE B 128 10.72 9.26 -17.69
CA ILE B 128 9.72 9.63 -16.66
C ILE B 128 8.89 10.81 -17.15
N GLU B 129 7.58 10.71 -16.94
CA GLU B 129 6.66 11.85 -17.11
C GLU B 129 5.87 12.00 -15.82
N LEU B 130 5.78 13.23 -15.31
CA LEU B 130 5.02 13.56 -14.09
C LEU B 130 3.83 14.46 -14.45
N TYR B 131 2.69 14.24 -13.81
CA TYR B 131 1.47 15.05 -14.06
C TYR B 131 0.82 15.46 -12.75
N ASP B 132 0.73 16.76 -12.51
CA ASP B 132 -0.05 17.36 -11.41
C ASP B 132 -1.45 17.69 -11.93
N PRO B 133 -2.44 16.80 -11.74
CA PRO B 133 -3.77 17.04 -12.30
C PRO B 133 -4.51 18.28 -11.77
N LYS B 134 -4.40 18.62 -10.47
CA LYS B 134 -5.21 19.74 -9.88
C LYS B 134 -4.76 21.04 -10.55
N ASN B 135 -3.49 21.17 -10.93
CA ASN B 135 -2.95 22.41 -11.53
C ASN B 135 -2.68 22.22 -13.02
N SER B 136 -3.12 21.09 -13.59
CA SER B 136 -2.90 20.78 -15.02
C SER B 136 -1.42 21.03 -15.37
N LEU B 137 -0.52 20.40 -14.65
CA LEU B 137 0.94 20.59 -14.83
C LEU B 137 1.58 19.29 -15.29
N LEU B 138 2.32 19.35 -16.38
CA LEU B 138 2.89 18.15 -17.01
C LEU B 138 4.39 18.36 -17.16
N ILE B 139 5.18 17.46 -16.58
CA ILE B 139 6.66 17.60 -16.56
C ILE B 139 7.27 16.35 -17.18
N GLU B 140 8.27 16.52 -18.04
CA GLU B 140 8.97 15.38 -18.66
C GLU B 140 10.38 15.33 -18.11
N ASN B 141 11.12 14.24 -18.34
CA ASN B 141 12.54 14.19 -17.91
C ASN B 141 13.22 15.44 -18.42
N ASP B 142 14.29 15.89 -17.76
CA ASP B 142 15.13 17.04 -18.19
C ASP B 142 14.44 18.33 -17.74
N ASP B 143 13.19 18.28 -17.29
CA ASP B 143 12.59 19.42 -16.56
C ASP B 143 12.19 18.93 -15.17
N ILE B 144 12.47 17.68 -14.82
CA ILE B 144 11.94 17.06 -13.58
C ILE B 144 12.72 17.62 -12.37
N LYS B 145 14.04 17.75 -12.50
CA LYS B 145 14.91 18.25 -11.40
C LYS B 145 14.47 19.67 -11.03
N LYS B 146 14.38 20.57 -12.01
CA LYS B 146 13.98 21.98 -11.79
C LYS B 146 12.61 22.01 -11.12
N TYR B 147 11.67 21.16 -11.55
CA TYR B 147 10.27 21.11 -11.01
C TYR B 147 10.31 20.75 -9.52
N LEU B 148 11.01 19.68 -9.17
CA LEU B 148 10.99 19.22 -7.76
C LEU B 148 11.60 20.29 -6.86
N TYR B 149 12.56 21.03 -7.39
CA TYR B 149 13.21 22.13 -6.65
C TYR B 149 12.26 23.33 -6.55
N ASP B 150 11.69 23.73 -7.69
CA ASP B 150 10.75 24.89 -7.74
C ASP B 150 9.61 24.64 -6.76
N GLU B 151 9.16 23.40 -6.64
CA GLU B 151 7.96 23.07 -5.84
C GLU B 151 8.27 22.93 -4.35
N ASN B 152 9.51 23.11 -3.92
CA ASN B 152 9.83 23.03 -2.46
C ASN B 152 9.48 21.62 -1.95
N PHE B 153 9.70 20.60 -2.76
CA PHE B 153 9.54 19.19 -2.35
C PHE B 153 10.73 18.78 -1.50
N HIS B 154 10.50 18.11 -0.38
CA HIS B 154 11.63 17.65 0.50
C HIS B 154 11.67 16.12 0.54
N ARG B 155 10.58 15.48 0.92
CA ARG B 155 10.54 14.01 1.01
C ARG B 155 9.43 13.53 0.09
N PHE B 156 9.42 12.26 -0.20
CA PHE B 156 8.48 11.70 -1.20
C PHE B 156 8.22 10.24 -0.91
N CYS B 157 7.20 9.73 -1.54
CA CYS B 157 6.77 8.34 -1.30
C CYS B 157 5.99 7.88 -2.52
N ILE B 158 6.44 6.81 -3.14
CA ILE B 158 5.91 6.38 -4.46
C ILE B 158 4.93 5.23 -4.23
N MET B 159 3.80 5.29 -4.92
CA MET B 159 2.79 4.21 -4.82
C MET B 159 2.65 3.66 -6.23
N LEU B 160 3.27 2.50 -6.45
CA LEU B 160 3.32 1.87 -7.78
C LEU B 160 2.08 0.99 -7.95
N ILE B 161 1.30 1.25 -9.00
CA ILE B 161 0.09 0.43 -9.30
C ILE B 161 0.56 -0.91 -9.87
N ILE B 162 -0.07 -1.99 -9.41
CA ILE B 162 0.18 -3.35 -9.96
C ILE B 162 -0.97 -3.76 -10.87
N SER B 163 -2.21 -3.59 -10.42
CA SER B 163 -3.42 -4.00 -11.16
C SER B 163 -4.65 -3.29 -10.63
N LYS B 164 -5.72 -3.31 -11.43
CA LYS B 164 -7.02 -2.66 -11.17
C LYS B 164 -8.07 -3.76 -10.92
CL CL C . 2.54 9.18 6.85
S SO4 D . 4.94 -12.36 -3.22
O1 SO4 D . 4.24 -11.78 -2.10
O2 SO4 D . 4.91 -11.46 -4.34
O3 SO4 D . 4.32 -13.60 -3.59
O4 SO4 D . 6.31 -12.61 -2.84
S SO4 E . -3.04 -6.79 25.76
O1 SO4 E . -3.06 -5.59 24.96
O2 SO4 E . -3.98 -6.67 26.84
O3 SO4 E . -1.72 -6.97 26.31
O4 SO4 E . -3.39 -7.92 24.93
CL CL F . -8.97 6.04 -22.99
S SO4 G . 1.41 13.18 5.05
O1 SO4 G . 2.47 14.11 4.67
O2 SO4 G . 0.14 13.84 5.01
O3 SO4 G . 1.40 12.06 4.15
O4 SO4 G . 1.66 12.69 6.38
#